data_2WKR
#
_entry.id   2WKR
#
_cell.length_a   112.390
_cell.length_b   112.390
_cell.length_c   69.200
_cell.angle_alpha   90.00
_cell.angle_beta   90.00
_cell.angle_gamma   120.00
#
_symmetry.space_group_name_H-M   'P 32 2 1'
#
loop_
_entity.id
_entity.type
_entity.pdbx_description
1 polymer 'NPH1-1, RAS-RELATED C3 BOTULINUM TOXIN SUBSTRATE 1'
2 non-polymer "GUANOSINE-5'-TRIPHOSPHATE"
3 non-polymer 'FLAVIN MONONUCLEOTIDE'
4 non-polymer 'MAGNESIUM ION'
5 non-polymer 'CHLORIDE ION'
6 water water
#
_entity_poly.entity_id   1
_entity_poly.type   'polypeptide(L)'
_entity_poly.pdbx_seq_one_letter_code
;MRGSHHHHHHGSLATTLERIEKNFVITDPRLPDNPIIFASDSFLQLTEYSREEILGRNMRFLQGPETDRATVRKIRDAID
NQTEVTVQLINYTKSGKKFWNLFHLQPMRDQKGDVQYFIGVQLDGTEHVRDAAEREGVMLIKKTAENIDEAAKELIKCVV
VGDGAVGKTCLLISYTTNAFPGEYIPTVFDNYSANVMVDGKPVNLGLWDTAGLEDYDRLRPLSYPQTDVFLICFSLVSPA
SFHHVRAKWYPEVRHHCPNTPIILVGTKLDLRDDKDTIEKLKEKKLTPITYPQGLAMAKEIGAVKYLECSALTQRGLKTV
FDEAIRAVLCPP
;
_entity_poly.pdbx_strand_id   A
#
loop_
_chem_comp.id
_chem_comp.type
_chem_comp.name
_chem_comp.formula
CL non-polymer 'CHLORIDE ION' 'Cl -1'
FMN non-polymer 'FLAVIN MONONUCLEOTIDE' 'C17 H21 N4 O9 P'
GTP non-polymer GUANOSINE-5'-TRIPHOSPHATE 'C10 H16 N5 O14 P3'
MG non-polymer 'MAGNESIUM ION' 'Mg 2'
#
# COMPACT_ATOMS: atom_id res chain seq x y z
N ALA A 14 21.92 4.81 1.42
CA ALA A 14 20.82 3.90 1.76
C ALA A 14 20.48 2.94 0.63
N THR A 15 20.30 1.67 0.99
CA THR A 15 19.90 0.64 0.04
C THR A 15 18.40 0.71 -0.18
N THR A 16 17.87 -0.21 -0.90
CA THR A 16 16.43 -0.35 -1.05
C THR A 16 15.93 -1.45 -0.13
N LEU A 17 14.63 -1.52 0.09
CA LEU A 17 14.05 -2.34 1.15
C LEU A 17 14.21 -3.84 0.94
N GLU A 18 14.14 -4.28 -0.31
CA GLU A 18 14.18 -5.70 -0.62
C GLU A 18 15.58 -6.26 -0.44
N ARG A 19 16.55 -5.38 -0.32
CA ARG A 19 17.94 -5.79 -0.11
C ARG A 19 18.28 -5.93 1.37
N ILE A 20 17.30 -5.70 2.24
CA ILE A 20 17.52 -5.88 3.68
C ILE A 20 17.01 -7.26 4.10
N GLU A 21 17.93 -8.21 4.22
CA GLU A 21 17.56 -9.59 4.53
C GLU A 21 17.42 -9.83 6.05
N LYS A 22 16.42 -9.18 6.63
CA LYS A 22 16.08 -9.33 8.03
C LYS A 22 14.56 -9.45 8.14
N ASN A 23 14.04 -9.87 9.29
CA ASN A 23 12.60 -9.85 9.53
C ASN A 23 12.16 -8.48 9.95
N PHE A 24 11.25 -7.88 9.19
CA PHE A 24 10.70 -6.60 9.57
C PHE A 24 9.44 -6.25 8.81
N VAL A 25 8.67 -5.33 9.37
CA VAL A 25 7.50 -4.80 8.71
C VAL A 25 7.50 -3.30 8.90
N ILE A 26 6.72 -2.62 8.06
CA ILE A 26 6.46 -1.20 8.22
C ILE A 26 4.94 -1.02 8.23
N THR A 27 4.44 -0.22 9.17
CA THR A 27 3.00 0.03 9.30
C THR A 27 2.71 1.51 9.10
N ASP A 28 1.47 1.81 8.75
CA ASP A 28 1.02 3.19 8.58
C ASP A 28 -0.01 3.53 9.67
N PRO A 29 0.44 4.25 10.70
CA PRO A 29 -0.42 4.56 11.85
C PRO A 29 -1.49 5.58 11.51
N ARG A 30 -1.40 6.24 10.36
CA ARG A 30 -2.46 7.16 9.95
C ARG A 30 -3.76 6.43 9.58
N LEU A 31 -3.64 5.17 9.14
CA LEU A 31 -4.82 4.41 8.70
C LEU A 31 -5.45 3.67 9.88
N PRO A 32 -6.74 3.37 9.80
CA PRO A 32 -7.42 2.68 10.90
C PRO A 32 -6.67 1.42 11.29
N ASP A 33 -6.33 1.32 12.58
CA ASP A 33 -5.72 0.13 13.15
C ASP A 33 -4.28 -0.16 12.69
N ASN A 34 -3.61 0.85 12.16
CA ASN A 34 -2.15 0.80 11.97
C ASN A 34 -1.69 -0.40 11.12
N PRO A 35 -2.19 -0.52 9.88
CA PRO A 35 -1.97 -1.69 9.01
C PRO A 35 -0.54 -1.80 8.49
N ILE A 36 -0.10 -3.03 8.22
CA ILE A 36 1.20 -3.26 7.60
C ILE A 36 1.19 -2.81 6.15
N ILE A 37 2.15 -1.96 5.77
CA ILE A 37 2.26 -1.52 4.39
C ILE A 37 3.50 -2.07 3.70
N PHE A 38 4.33 -2.78 4.46
CA PHE A 38 5.47 -3.48 3.89
C PHE A 38 5.89 -4.60 4.82
N ALA A 39 6.22 -5.75 4.24
CA ALA A 39 6.74 -6.88 5.00
C ALA A 39 7.88 -7.51 4.20
N SER A 40 8.97 -7.83 4.87
CA SER A 40 10.13 -8.41 4.21
C SER A 40 9.88 -9.90 3.96
N ASP A 41 10.56 -10.43 2.95
CA ASP A 41 10.47 -11.86 2.64
C ASP A 41 10.82 -12.72 3.86
N SER A 42 11.84 -12.33 4.61
CA SER A 42 12.22 -13.11 5.79
C SER A 42 11.08 -13.19 6.79
N PHE A 43 10.38 -12.07 6.99
CA PHE A 43 9.25 -12.04 7.91
C PHE A 43 8.17 -13.02 7.45
N LEU A 44 7.88 -13.00 6.15
CA LEU A 44 6.88 -13.88 5.57
C LEU A 44 7.29 -15.34 5.76
N GLN A 45 8.56 -15.62 5.51
CA GLN A 45 9.13 -16.94 5.73
C GLN A 45 9.01 -17.35 7.19
N LEU A 46 9.48 -16.50 8.09
CA LEU A 46 9.41 -16.79 9.52
C LEU A 46 7.99 -17.14 9.95
N THR A 47 7.03 -16.32 9.51
CA THR A 47 5.65 -16.42 10.00
C THR A 47 4.76 -17.35 9.17
N GLU A 48 5.22 -17.69 7.97
CA GLU A 48 4.50 -18.63 7.09
C GLU A 48 3.28 -17.99 6.43
N TYR A 49 3.14 -16.68 6.53
CA TYR A 49 2.06 -16.00 5.84
C TYR A 49 2.52 -15.53 4.47
N SER A 50 1.55 -15.24 3.60
CA SER A 50 1.83 -14.65 2.30
C SER A 50 1.73 -13.14 2.43
N ARG A 51 2.41 -12.42 1.55
CA ARG A 51 2.35 -10.97 1.57
C ARG A 51 0.89 -10.54 1.51
N GLU A 52 0.11 -11.25 0.70
CA GLU A 52 -1.30 -10.98 0.51
C GLU A 52 -2.10 -11.09 1.81
N GLU A 53 -1.65 -11.96 2.71
CA GLU A 53 -2.34 -12.21 3.98
C GLU A 53 -1.96 -11.20 5.06
N ILE A 54 -0.91 -10.44 4.83
CA ILE A 54 -0.30 -9.62 5.88
C ILE A 54 -0.54 -8.13 5.66
N LEU A 55 -0.25 -7.67 4.44
CA LEU A 55 -0.43 -6.25 4.11
C LEU A 55 -1.88 -5.85 4.33
N GLY A 56 -2.09 -4.62 4.80
CA GLY A 56 -3.42 -4.12 5.06
C GLY A 56 -3.98 -4.51 6.42
N ARG A 57 -3.26 -5.37 7.14
CA ARG A 57 -3.77 -5.88 8.41
C ARG A 57 -2.87 -5.51 9.58
N ASN A 58 -3.44 -5.59 10.78
CA ASN A 58 -2.71 -5.41 12.02
C ASN A 58 -2.00 -6.70 12.41
N MET A 59 -0.78 -6.56 12.90
CA MET A 59 0.09 -7.69 13.18
C MET A 59 -0.23 -8.49 14.45
N ARG A 60 -1.33 -8.16 15.13
CA ARG A 60 -1.67 -8.80 16.39
C ARG A 60 -1.92 -10.30 16.25
N PHE A 61 -2.15 -10.76 15.01
CA PHE A 61 -2.43 -12.18 14.75
C PHE A 61 -1.24 -13.10 15.12
N LEU A 62 -0.06 -12.52 15.29
CA LEU A 62 1.09 -13.29 15.72
C LEU A 62 0.94 -13.77 17.15
N GLN A 63 0.12 -13.07 17.93
CA GLN A 63 -0.08 -13.43 19.34
C GLN A 63 -0.99 -14.65 19.52
N GLY A 64 -0.85 -15.32 20.66
CA GLY A 64 -1.59 -16.54 20.90
C GLY A 64 -1.71 -16.85 22.38
N PRO A 65 -2.10 -18.10 22.70
CA PRO A 65 -2.41 -18.54 24.06
C PRO A 65 -1.33 -18.19 25.08
N GLU A 66 -0.08 -18.51 24.78
CA GLU A 66 1.00 -18.33 25.75
C GLU A 66 1.65 -16.95 25.71
N THR A 67 1.15 -16.08 24.84
CA THR A 67 1.72 -14.74 24.75
C THR A 67 1.40 -13.97 26.03
N ASP A 68 2.43 -13.34 26.59
CA ASP A 68 2.24 -12.52 27.78
C ASP A 68 1.56 -11.20 27.41
N ARG A 69 0.30 -11.06 27.81
CA ARG A 69 -0.50 -9.89 27.45
C ARG A 69 0.02 -8.61 28.11
N ALA A 70 0.73 -8.75 29.22
CA ALA A 70 1.37 -7.59 29.81
C ALA A 70 2.42 -7.03 28.85
N THR A 71 3.17 -7.93 28.21
CA THR A 71 4.20 -7.51 27.25
C THR A 71 3.53 -6.85 26.03
N VAL A 72 2.41 -7.39 25.60
CA VAL A 72 1.66 -6.80 24.48
C VAL A 72 1.22 -5.37 24.80
N ARG A 73 0.79 -5.13 26.04
CA ARG A 73 0.43 -3.79 26.49
C ARG A 73 1.58 -2.79 26.39
N LYS A 74 2.80 -3.23 26.73
CA LYS A 74 3.99 -2.37 26.54
C LYS A 74 4.13 -1.95 25.09
N ILE A 75 3.85 -2.87 24.16
CA ILE A 75 3.91 -2.53 22.75
C ILE A 75 2.85 -1.48 22.43
N ARG A 76 1.61 -1.76 22.85
CA ARG A 76 0.50 -0.84 22.58
C ARG A 76 0.79 0.55 23.14
N ASP A 77 1.31 0.60 24.37
CA ASP A 77 1.66 1.85 25.02
C ASP A 77 2.72 2.64 24.26
N ALA A 78 3.79 1.96 23.83
CA ALA A 78 4.82 2.62 23.02
C ALA A 78 4.23 3.20 21.73
N ILE A 79 3.40 2.42 21.04
CA ILE A 79 2.76 2.90 19.81
C ILE A 79 1.92 4.16 20.09
N ASP A 80 1.05 4.08 21.10
CA ASP A 80 0.23 5.23 21.49
C ASP A 80 1.04 6.48 21.82
N ASN A 81 2.17 6.29 22.49
CA ASN A 81 3.01 7.43 22.86
C ASN A 81 4.01 7.80 21.77
N GLN A 82 3.93 7.12 20.64
CA GLN A 82 4.83 7.38 19.51
C GLN A 82 6.29 7.35 19.94
N THR A 83 6.67 6.31 20.68
CA THR A 83 8.05 6.09 21.06
C THR A 83 8.51 4.66 20.77
N GLU A 84 9.83 4.45 20.88
CA GLU A 84 10.42 3.16 20.57
C GLU A 84 10.33 2.22 21.77
N VAL A 85 10.32 0.92 21.51
CA VAL A 85 10.33 -0.04 22.59
C VAL A 85 10.93 -1.36 22.11
N THR A 86 11.47 -2.14 23.05
CA THR A 86 12.04 -3.45 22.75
C THR A 86 11.58 -4.46 23.81
N VAL A 87 11.03 -5.57 23.36
CA VAL A 87 10.51 -6.56 24.29
C VAL A 87 10.75 -7.95 23.73
N GLN A 88 10.50 -8.97 24.53
CA GLN A 88 10.52 -10.36 24.06
C GLN A 88 9.20 -11.01 24.40
N LEU A 89 8.60 -11.69 23.45
CA LEU A 89 7.32 -12.33 23.71
C LEU A 89 7.14 -13.53 22.82
N ILE A 90 6.25 -14.42 23.21
CA ILE A 90 5.91 -15.57 22.40
C ILE A 90 4.98 -15.14 21.27
N ASN A 91 5.30 -15.57 20.05
CA ASN A 91 4.46 -15.38 18.88
C ASN A 91 4.24 -16.72 18.19
N TYR A 92 3.32 -16.76 17.23
CA TYR A 92 2.95 -17.99 16.54
C TYR A 92 2.93 -17.83 15.02
N THR A 93 3.38 -18.87 14.32
CA THR A 93 3.32 -18.87 12.88
C THR A 93 1.91 -19.18 12.42
N LYS A 94 1.68 -19.15 11.11
CA LYS A 94 0.36 -19.47 10.58
C LYS A 94 -0.08 -20.86 11.00
N SER A 95 0.88 -21.79 11.09
CA SER A 95 0.54 -23.17 11.43
C SER A 95 0.48 -23.44 12.93
N GLY A 96 0.69 -22.41 13.75
CA GLY A 96 0.54 -22.54 15.18
C GLY A 96 1.84 -22.87 15.89
N LYS A 97 2.93 -22.87 15.14
CA LYS A 97 4.26 -23.14 15.66
C LYS A 97 4.72 -21.98 16.55
N LYS A 98 5.11 -22.29 17.79
CA LYS A 98 5.55 -21.26 18.73
C LYS A 98 6.97 -20.79 18.45
N PHE A 99 7.22 -19.50 18.64
CA PHE A 99 8.58 -19.01 18.68
C PHE A 99 8.73 -17.81 19.60
N TRP A 100 9.94 -17.63 20.14
CA TRP A 100 10.25 -16.43 20.89
C TRP A 100 10.64 -15.31 19.93
N ASN A 101 10.13 -14.12 20.23
CA ASN A 101 10.33 -12.96 19.37
C ASN A 101 10.98 -11.82 20.15
N LEU A 102 12.24 -11.53 19.85
CA LEU A 102 12.87 -10.34 20.41
C LEU A 102 12.54 -9.19 19.47
N PHE A 103 11.63 -8.33 19.91
CA PHE A 103 10.95 -7.40 19.01
C PHE A 103 11.32 -5.96 19.31
N HIS A 104 11.72 -5.22 18.28
CA HIS A 104 11.98 -3.79 18.43
C HIS A 104 11.08 -2.94 17.53
N LEU A 105 10.48 -1.93 18.13
CA LEU A 105 9.59 -1.05 17.40
C LEU A 105 10.11 0.38 17.52
N GLN A 106 10.00 1.16 16.44
CA GLN A 106 10.34 2.57 16.49
C GLN A 106 9.66 3.39 15.41
N PRO A 107 9.29 4.62 15.75
CA PRO A 107 8.66 5.55 14.79
C PRO A 107 9.66 5.97 13.73
N MET A 108 9.16 6.26 12.53
CA MET A 108 9.93 6.94 11.51
C MET A 108 9.21 8.25 11.28
N ARG A 109 9.93 9.35 11.43
CA ARG A 109 9.30 10.67 11.38
C ARG A 109 9.56 11.38 10.05
N ASP A 110 8.65 12.22 9.62
CA ASP A 110 8.88 13.04 8.43
C ASP A 110 9.60 14.33 8.83
N GLN A 111 9.83 15.20 7.86
CA GLN A 111 10.60 16.42 8.10
C GLN A 111 10.03 17.25 9.24
N LYS A 112 8.72 17.46 9.23
CA LYS A 112 8.08 18.20 10.32
C LYS A 112 7.95 17.36 11.59
N GLY A 113 8.87 16.41 11.75
CA GLY A 113 8.95 15.62 12.98
C GLY A 113 7.75 14.75 13.30
N ASP A 114 6.72 14.81 12.46
CA ASP A 114 5.54 13.96 12.65
C ASP A 114 5.85 12.50 12.33
N VAL A 115 5.21 11.60 13.05
CA VAL A 115 5.37 10.18 12.80
C VAL A 115 4.69 9.80 11.49
N GLN A 116 5.43 9.18 10.58
CA GLN A 116 4.84 8.70 9.33
C GLN A 116 4.58 7.20 9.40
N TYR A 117 5.55 6.45 9.87
CA TYR A 117 5.45 4.99 9.94
C TYR A 117 5.94 4.44 11.27
N PHE A 118 5.61 3.18 11.54
CA PHE A 118 6.34 2.44 12.57
C PHE A 118 7.16 1.35 11.88
N ILE A 119 8.40 1.19 12.30
CA ILE A 119 9.23 0.10 11.86
C ILE A 119 9.31 -0.94 12.97
N GLY A 120 9.15 -2.20 12.60
CA GLY A 120 9.17 -3.29 13.56
C GLY A 120 10.11 -4.39 13.11
N VAL A 121 11.03 -4.79 13.98
CA VAL A 121 12.05 -5.78 13.65
C VAL A 121 11.96 -6.99 14.58
N GLN A 122 11.89 -8.18 13.98
CA GLN A 122 11.80 -9.41 14.76
C GLN A 122 13.07 -10.25 14.66
N LEU A 123 13.61 -10.60 15.83
CA LEU A 123 14.71 -11.55 15.93
C LEU A 123 14.18 -12.78 16.67
N ASP A 124 13.98 -13.86 15.93
CA ASP A 124 13.30 -15.04 16.43
C ASP A 124 14.25 -16.07 17.02
N GLY A 125 13.78 -16.79 18.03
CA GLY A 125 14.55 -17.85 18.65
C GLY A 125 13.62 -18.85 19.33
N THR A 126 14.20 -19.83 20.00
CA THR A 126 13.40 -20.82 20.70
C THR A 126 13.38 -20.56 22.21
N GLU A 127 14.05 -19.51 22.64
CA GLU A 127 14.08 -19.20 24.06
C GLU A 127 14.07 -17.71 24.37
N HIS A 128 13.65 -17.41 25.59
CA HIS A 128 13.64 -16.06 26.15
C HIS A 128 15.05 -15.72 26.62
N VAL A 129 15.81 -14.99 25.79
CA VAL A 129 17.21 -14.67 26.13
C VAL A 129 17.36 -13.64 27.24
N ARG A 130 18.48 -13.71 27.96
CA ARG A 130 18.72 -12.84 29.11
C ARG A 130 20.15 -12.30 29.12
N ASP A 131 20.41 -11.36 30.01
CA ASP A 131 21.79 -10.91 30.26
C ASP A 131 22.54 -10.63 28.95
N ALA A 132 23.77 -11.13 28.83
CA ALA A 132 24.60 -10.85 27.65
C ALA A 132 23.94 -11.17 26.31
N ALA A 133 23.29 -12.32 26.18
CA ALA A 133 22.63 -12.67 24.93
C ALA A 133 21.56 -11.63 24.60
N GLU A 134 20.77 -11.25 25.62
CA GLU A 134 19.74 -10.25 25.44
C GLU A 134 20.33 -8.95 24.92
N ARG A 135 21.35 -8.48 25.61
CA ARG A 135 22.00 -7.22 25.26
C ARG A 135 22.49 -7.22 23.82
N GLU A 136 23.14 -8.31 23.41
CA GLU A 136 23.60 -8.44 22.02
C GLU A 136 22.45 -8.42 21.04
N GLY A 137 21.37 -9.12 21.37
CA GLY A 137 20.18 -9.14 20.53
C GLY A 137 19.59 -7.77 20.29
N VAL A 138 19.55 -6.95 21.33
CA VAL A 138 18.98 -5.61 21.27
C VAL A 138 19.80 -4.68 20.38
N MET A 139 21.12 -4.76 20.48
CA MET A 139 21.98 -3.91 19.66
C MET A 139 21.82 -4.28 18.18
N LEU A 140 21.68 -5.57 17.92
CA LEU A 140 21.51 -6.05 16.56
C LEU A 140 20.23 -5.52 15.89
N ILE A 141 19.08 -5.70 16.53
CA ILE A 141 17.83 -5.28 15.89
C ILE A 141 17.72 -3.78 15.76
N LYS A 142 18.31 -3.06 16.71
CA LYS A 142 18.35 -1.61 16.67
C LYS A 142 19.13 -1.09 15.48
N LYS A 143 20.25 -1.74 15.18
CA LYS A 143 21.02 -1.41 13.97
C LYS A 143 20.18 -1.68 12.72
N THR A 144 19.52 -2.83 12.68
CA THR A 144 18.67 -3.18 11.55
C THR A 144 17.57 -2.13 11.35
N ALA A 145 16.98 -1.70 12.46
CA ALA A 145 15.91 -0.71 12.42
C ALA A 145 16.42 0.57 11.77
N GLU A 146 17.63 0.99 12.13
CA GLU A 146 18.19 2.21 11.56
C GLU A 146 18.37 2.05 10.05
N ASN A 147 18.84 0.89 9.61
CA ASN A 147 19.01 0.62 8.18
C ASN A 147 17.68 0.73 7.44
N ILE A 148 16.63 0.20 8.06
CA ILE A 148 15.30 0.21 7.44
C ILE A 148 14.81 1.64 7.32
N ASP A 149 14.99 2.41 8.39
CA ASP A 149 14.57 3.81 8.41
C ASP A 149 15.18 4.55 7.23
N GLU A 150 16.49 4.43 7.05
CA GLU A 150 17.18 5.02 5.92
C GLU A 150 16.64 4.53 4.56
N ALA A 151 16.48 3.22 4.40
CA ALA A 151 15.92 2.67 3.16
C ALA A 151 14.47 3.12 2.94
N ALA A 152 13.70 3.20 4.01
CA ALA A 152 12.26 3.53 3.90
C ALA A 152 12.02 4.98 3.48
N LYS A 153 12.99 5.86 3.73
CA LYS A 153 12.85 7.24 3.28
C LYS A 153 12.65 7.31 1.77
N GLU A 154 13.05 6.24 1.06
CA GLU A 154 12.96 6.20 -0.39
C GLU A 154 11.73 5.47 -0.91
N LEU A 155 10.92 4.91 -0.01
CA LEU A 155 9.68 4.26 -0.40
C LEU A 155 8.76 5.25 -1.11
N ILE A 156 8.29 4.89 -2.30
CA ILE A 156 7.42 5.80 -3.04
C ILE A 156 5.95 5.55 -2.69
N LYS A 157 5.25 6.61 -2.28
CA LYS A 157 3.87 6.47 -1.86
C LYS A 157 2.90 6.82 -2.98
N CYS A 158 2.17 5.82 -3.46
CA CYS A 158 1.18 5.99 -4.52
C CYS A 158 -0.23 5.68 -4.01
N VAL A 159 -1.11 6.66 -4.09
CA VAL A 159 -2.48 6.51 -3.60
C VAL A 159 -3.47 6.37 -4.76
N VAL A 160 -4.31 5.35 -4.72
CA VAL A 160 -5.23 5.03 -5.81
C VAL A 160 -6.69 5.35 -5.45
N VAL A 161 -7.29 6.32 -6.13
CA VAL A 161 -8.67 6.74 -5.84
C VAL A 161 -9.57 6.70 -7.09
N GLY A 162 -10.89 6.72 -6.87
CA GLY A 162 -11.86 6.68 -7.95
C GLY A 162 -13.13 5.96 -7.54
N ASP A 163 -14.19 6.09 -8.33
CA ASP A 163 -15.50 5.49 -8.01
C ASP A 163 -15.42 4.03 -7.63
N GLY A 164 -16.38 3.56 -6.83
CA GLY A 164 -16.52 2.14 -6.55
C GLY A 164 -16.69 1.32 -7.83
N ALA A 165 -16.05 0.15 -7.86
CA ALA A 165 -16.17 -0.78 -8.98
C ALA A 165 -15.50 -0.35 -10.30
N VAL A 166 -14.71 0.72 -10.28
CA VAL A 166 -13.98 1.07 -11.51
C VAL A 166 -12.80 0.15 -11.76
N GLY A 167 -12.38 -0.61 -10.75
CA GLY A 167 -11.32 -1.59 -10.91
C GLY A 167 -9.99 -1.22 -10.28
N LYS A 168 -10.03 -0.39 -9.24
CA LYS A 168 -8.82 0.00 -8.50
C LYS A 168 -8.10 -1.23 -7.93
N THR A 169 -8.84 -2.04 -7.16
CA THR A 169 -8.27 -3.23 -6.54
C THR A 169 -7.77 -4.28 -7.54
N CYS A 170 -8.57 -4.58 -8.55
CA CYS A 170 -8.19 -5.60 -9.54
C CYS A 170 -6.90 -5.22 -10.24
N LEU A 171 -6.81 -3.94 -10.55
CA LEU A 171 -5.62 -3.34 -11.08
C LEU A 171 -4.39 -3.66 -10.18
N LEU A 172 -4.55 -3.49 -8.87
CA LEU A 172 -3.45 -3.73 -7.94
C LEU A 172 -3.11 -5.22 -7.78
N ILE A 173 -4.13 -6.06 -7.75
CA ILE A 173 -3.95 -7.48 -7.62
C ILE A 173 -3.33 -8.06 -8.90
N SER A 174 -3.84 -7.63 -10.05
CA SER A 174 -3.30 -8.09 -11.32
C SER A 174 -1.81 -7.78 -11.45
N TYR A 175 -1.45 -6.55 -11.08
CA TYR A 175 -0.07 -6.09 -11.20
C TYR A 175 0.88 -6.85 -10.27
N THR A 176 0.45 -7.05 -9.03
CA THR A 176 1.33 -7.61 -8.02
C THR A 176 1.31 -9.13 -7.96
N THR A 177 0.30 -9.76 -8.57
CA THR A 177 0.19 -11.22 -8.53
C THR A 177 0.04 -11.88 -9.90
N ASN A 178 -0.21 -11.08 -10.92
CA ASN A 178 -0.48 -11.59 -12.27
C ASN A 178 -1.70 -12.50 -12.35
N ALA A 179 -2.56 -12.41 -11.34
CA ALA A 179 -3.83 -13.11 -11.36
C ALA A 179 -4.98 -12.10 -11.36
N PHE A 180 -6.18 -12.57 -11.69
CA PHE A 180 -7.36 -11.72 -11.68
C PHE A 180 -8.39 -12.25 -10.68
N PRO A 181 -8.91 -11.36 -9.82
CA PRO A 181 -9.81 -11.79 -8.76
C PRO A 181 -11.20 -12.11 -9.30
N GLY A 182 -11.91 -12.99 -8.60
CA GLY A 182 -13.26 -13.35 -8.98
C GLY A 182 -14.26 -12.35 -8.44
N GLU A 183 -14.76 -12.62 -7.24
CA GLU A 183 -15.84 -11.83 -6.67
C GLU A 183 -15.42 -10.39 -6.41
N TYR A 184 -16.34 -9.46 -6.67
CA TYR A 184 -16.12 -8.07 -6.33
C TYR A 184 -16.36 -7.83 -4.83
N ILE A 185 -15.31 -7.40 -4.14
CA ILE A 185 -15.41 -7.03 -2.73
C ILE A 185 -14.99 -5.58 -2.56
N PRO A 186 -15.93 -4.70 -2.20
CA PRO A 186 -15.59 -3.28 -2.01
C PRO A 186 -14.47 -3.11 -0.99
N THR A 187 -13.64 -2.09 -1.20
CA THR A 187 -12.47 -1.87 -0.35
C THR A 187 -12.77 -0.82 0.72
N VAL A 188 -12.20 -1.01 1.90
CA VAL A 188 -12.13 0.06 2.87
C VAL A 188 -10.76 0.72 2.67
N PHE A 189 -9.72 0.13 3.26
CA PHE A 189 -8.33 0.43 2.91
C PHE A 189 -7.61 -0.88 2.65
N ASP A 190 -6.58 -0.84 1.81
CA ASP A 190 -5.70 -1.99 1.66
C ASP A 190 -4.37 -1.51 1.09
N ASN A 191 -3.35 -2.35 1.17
CA ASN A 191 -2.03 -1.93 0.72
C ASN A 191 -1.33 -3.00 -0.08
N TYR A 192 -0.54 -2.56 -1.05
CA TYR A 192 0.23 -3.44 -1.90
C TYR A 192 1.63 -2.88 -1.99
N SER A 193 2.60 -3.74 -2.29
CA SER A 193 3.93 -3.26 -2.61
C SER A 193 4.54 -3.96 -3.83
N ALA A 194 5.43 -3.23 -4.50
CA ALA A 194 6.11 -3.73 -5.69
C ALA A 194 7.53 -3.20 -5.72
N ASN A 195 8.46 -4.04 -6.15
CA ASN A 195 9.81 -3.58 -6.46
C ASN A 195 9.93 -3.50 -7.98
N VAL A 196 10.16 -2.29 -8.49
CA VAL A 196 10.14 -2.06 -9.92
C VAL A 196 11.48 -1.54 -10.45
N MET A 197 11.98 -2.19 -11.50
CA MET A 197 13.16 -1.69 -12.21
C MET A 197 12.82 -0.45 -13.02
N VAL A 198 13.49 0.65 -12.72
CA VAL A 198 13.36 1.86 -13.49
C VAL A 198 14.78 2.29 -13.86
N ASP A 199 15.04 2.44 -15.15
CA ASP A 199 16.38 2.77 -15.64
C ASP A 199 17.48 1.93 -14.99
N GLY A 200 17.25 0.63 -14.87
CA GLY A 200 18.26 -0.27 -14.31
C GLY A 200 18.39 -0.29 -12.78
N LYS A 201 17.57 0.48 -12.08
CA LYS A 201 17.67 0.54 -10.62
C LYS A 201 16.37 0.12 -9.94
N PRO A 202 16.48 -0.60 -8.81
CA PRO A 202 15.29 -1.04 -8.06
C PRO A 202 14.61 0.14 -7.39
N VAL A 203 13.28 0.17 -7.44
CA VAL A 203 12.50 1.16 -6.71
C VAL A 203 11.45 0.45 -5.88
N ASN A 204 11.25 0.92 -4.65
CA ASN A 204 10.21 0.40 -3.78
C ASN A 204 8.94 1.21 -3.90
N LEU A 205 7.86 0.56 -4.33
CA LEU A 205 6.60 1.26 -4.56
C LEU A 205 5.54 0.73 -3.61
N GLY A 206 5.00 1.64 -2.80
CA GLY A 206 3.90 1.30 -1.92
C GLY A 206 2.60 1.82 -2.50
N LEU A 207 1.59 0.96 -2.58
CA LEU A 207 0.32 1.32 -3.19
C LEU A 207 -0.81 1.29 -2.17
N TRP A 208 -1.43 2.45 -1.98
CA TRP A 208 -2.52 2.62 -1.04
C TRP A 208 -3.88 2.50 -1.76
N ASP A 209 -4.56 1.38 -1.56
CA ASP A 209 -5.87 1.15 -2.16
C ASP A 209 -6.93 1.79 -1.27
N THR A 210 -7.92 2.45 -1.86
CA THR A 210 -8.93 3.17 -1.09
C THR A 210 -10.37 2.84 -1.52
N ALA A 211 -11.33 3.38 -0.78
CA ALA A 211 -12.74 3.09 -1.02
C ALA A 211 -13.38 4.08 -2.00
N GLY A 212 -14.11 3.57 -2.98
CA GLY A 212 -14.77 4.40 -3.96
C GLY A 212 -16.07 5.02 -3.45
N LEU A 213 -16.70 4.36 -2.49
CA LEU A 213 -18.01 4.81 -2.02
C LEU A 213 -17.97 6.14 -1.26
N GLU A 214 -18.99 6.96 -1.48
CA GLU A 214 -19.07 8.30 -0.88
C GLU A 214 -19.18 8.28 0.65
N ASP A 215 -19.77 7.24 1.21
CA ASP A 215 -19.86 7.13 2.67
C ASP A 215 -18.48 6.94 3.34
N TYR A 216 -17.42 6.84 2.54
CA TYR A 216 -16.08 6.77 3.09
C TYR A 216 -15.32 8.08 2.92
N ASP A 217 -16.03 9.13 2.49
CA ASP A 217 -15.41 10.42 2.25
C ASP A 217 -14.64 10.95 3.46
N ARG A 218 -15.10 10.63 4.66
CA ARG A 218 -14.44 11.14 5.86
C ARG A 218 -13.22 10.31 6.24
N LEU A 219 -13.18 9.05 5.85
CA LEU A 219 -12.01 8.21 6.15
C LEU A 219 -10.91 8.33 5.10
N ARG A 220 -11.30 8.37 3.83
CA ARG A 220 -10.34 8.27 2.72
C ARG A 220 -9.09 9.14 2.86
N PRO A 221 -9.26 10.44 3.20
CA PRO A 221 -8.11 11.34 3.26
C PRO A 221 -7.05 10.98 4.31
N LEU A 222 -7.32 10.00 5.17
CA LEU A 222 -6.28 9.51 6.08
C LEU A 222 -5.09 8.94 5.30
N SER A 223 -5.35 8.56 4.05
CA SER A 223 -4.28 8.01 3.21
C SER A 223 -3.42 9.10 2.54
N TYR A 224 -3.89 10.35 2.55
CA TYR A 224 -3.31 11.38 1.68
C TYR A 224 -1.97 12.02 2.08
N PRO A 225 -1.76 12.31 3.37
CA PRO A 225 -0.52 13.03 3.72
C PRO A 225 0.74 12.35 3.17
N GLN A 226 1.67 13.17 2.66
CA GLN A 226 2.97 12.67 2.21
C GLN A 226 2.90 11.78 0.97
N THR A 227 1.78 11.85 0.25
CA THR A 227 1.63 11.09 -0.98
C THR A 227 2.56 11.65 -2.05
N ASP A 228 3.21 10.76 -2.81
CA ASP A 228 4.13 11.16 -3.88
C ASP A 228 3.41 11.33 -5.21
N VAL A 229 2.48 10.43 -5.51
CA VAL A 229 1.74 10.47 -6.77
C VAL A 229 0.37 9.82 -6.59
N PHE A 230 -0.65 10.44 -7.16
CA PHE A 230 -2.00 9.88 -7.13
C PHE A 230 -2.35 9.22 -8.45
N LEU A 231 -3.03 8.07 -8.36
CA LEU A 231 -3.72 7.53 -9.52
C LEU A 231 -5.21 7.83 -9.39
N ILE A 232 -5.74 8.70 -10.24
CA ILE A 232 -7.18 8.90 -10.30
C ILE A 232 -7.75 8.01 -11.39
N CYS A 233 -8.64 7.08 -11.01
CA CYS A 233 -9.11 6.05 -11.94
C CYS A 233 -10.58 6.21 -12.28
N PHE A 234 -10.91 5.87 -13.52
CA PHE A 234 -12.30 5.82 -13.96
C PHE A 234 -12.43 4.68 -14.98
N SER A 235 -13.62 4.10 -15.09
CA SER A 235 -13.83 3.02 -16.04
C SER A 235 -14.14 3.55 -17.45
N LEU A 236 -13.42 3.05 -18.44
CA LEU A 236 -13.64 3.46 -19.83
C LEU A 236 -15.05 3.11 -20.33
N VAL A 237 -15.78 2.28 -19.59
CA VAL A 237 -17.14 1.94 -19.98
C VAL A 237 -18.18 2.38 -18.96
N SER A 238 -17.80 3.33 -18.11
CA SER A 238 -18.77 4.02 -17.24
C SER A 238 -18.59 5.54 -17.30
N PRO A 239 -19.40 6.20 -18.12
CA PRO A 239 -19.29 7.66 -18.23
C PRO A 239 -19.51 8.40 -16.92
N ALA A 240 -20.33 7.84 -16.01
CA ALA A 240 -20.51 8.47 -14.70
C ALA A 240 -19.20 8.52 -13.91
N SER A 241 -18.46 7.42 -13.92
CA SER A 241 -17.19 7.39 -13.22
C SER A 241 -16.26 8.44 -13.82
N PHE A 242 -16.43 8.65 -15.13
CA PHE A 242 -15.59 9.59 -15.86
C PHE A 242 -15.86 11.02 -15.45
N HIS A 243 -17.14 11.41 -15.44
CA HIS A 243 -17.48 12.77 -15.01
C HIS A 243 -17.13 13.01 -13.53
N HIS A 244 -17.19 11.98 -12.70
CA HIS A 244 -16.80 12.14 -11.30
C HIS A 244 -15.32 12.50 -11.15
N VAL A 245 -14.50 12.18 -12.14
CA VAL A 245 -13.11 12.58 -12.13
C VAL A 245 -13.06 14.09 -11.92
N ARG A 246 -13.77 14.82 -12.77
CA ARG A 246 -13.81 16.27 -12.72
C ARG A 246 -14.56 16.79 -11.49
N ALA A 247 -15.69 16.18 -11.19
CA ALA A 247 -16.58 16.73 -10.18
C ALA A 247 -16.17 16.40 -8.75
N LYS A 248 -15.56 15.23 -8.56
CA LYS A 248 -15.31 14.72 -7.22
C LYS A 248 -13.83 14.44 -6.91
N TRP A 249 -13.22 13.50 -7.61
CA TRP A 249 -11.87 13.05 -7.28
C TRP A 249 -10.78 14.11 -7.42
N TYR A 250 -10.78 14.81 -8.54
CA TYR A 250 -9.77 15.85 -8.77
C TYR A 250 -9.83 16.92 -7.67
N PRO A 251 -11.02 17.47 -7.41
CA PRO A 251 -11.11 18.46 -6.33
C PRO A 251 -10.72 17.89 -4.96
N GLU A 252 -11.16 16.68 -4.63
CA GLU A 252 -10.83 16.11 -3.33
C GLU A 252 -9.32 15.96 -3.15
N VAL A 253 -8.66 15.44 -4.18
CA VAL A 253 -7.22 15.24 -4.14
C VAL A 253 -6.48 16.58 -4.00
N ARG A 254 -6.84 17.55 -4.83
CA ARG A 254 -6.18 18.85 -4.80
C ARG A 254 -6.42 19.58 -3.48
N HIS A 255 -7.60 19.39 -2.91
CA HIS A 255 -7.94 20.01 -1.63
C HIS A 255 -6.94 19.64 -0.53
N HIS A 256 -6.50 18.37 -0.52
CA HIS A 256 -5.56 17.91 0.48
C HIS A 256 -4.10 17.98 0.03
N CYS A 257 -3.86 17.76 -1.27
CA CYS A 257 -2.51 17.69 -1.82
C CYS A 257 -2.39 18.58 -3.05
N PRO A 258 -2.30 19.90 -2.83
CA PRO A 258 -2.31 20.89 -3.91
C PRO A 258 -1.23 20.64 -4.96
N ASN A 259 -0.09 20.11 -4.54
CA ASN A 259 1.08 20.03 -5.41
C ASN A 259 1.45 18.63 -5.87
N THR A 260 0.72 17.61 -5.41
CA THR A 260 1.05 16.23 -5.74
C THR A 260 0.63 15.89 -7.17
N PRO A 261 1.54 15.27 -7.95
CA PRO A 261 1.22 14.91 -9.34
C PRO A 261 0.08 13.90 -9.43
N ILE A 262 -0.73 14.04 -10.46
CA ILE A 262 -1.86 13.15 -10.68
C ILE A 262 -1.72 12.43 -12.01
N ILE A 263 -1.86 11.11 -12.00
CA ILE A 263 -1.96 10.38 -13.25
C ILE A 263 -3.40 9.93 -13.42
N LEU A 264 -4.00 10.29 -14.56
CA LEU A 264 -5.36 9.86 -14.87
C LEU A 264 -5.34 8.48 -15.55
N VAL A 265 -6.08 7.53 -14.97
CA VAL A 265 -6.06 6.17 -15.48
C VAL A 265 -7.44 5.69 -15.94
N GLY A 266 -7.55 5.30 -17.21
CA GLY A 266 -8.75 4.71 -17.73
C GLY A 266 -8.66 3.20 -17.59
N THR A 267 -9.63 2.61 -16.90
CA THR A 267 -9.59 1.18 -16.60
C THR A 267 -10.53 0.36 -17.48
N LYS A 268 -10.37 -0.95 -17.40
CA LYS A 268 -11.20 -1.89 -18.16
C LYS A 268 -11.10 -1.62 -19.64
N LEU A 269 -9.88 -1.38 -20.12
CA LEU A 269 -9.65 -1.10 -21.54
C LEU A 269 -10.25 -2.22 -22.41
N ASP A 270 -10.20 -3.44 -21.89
CA ASP A 270 -10.65 -4.63 -22.63
C ASP A 270 -12.14 -4.60 -22.95
N LEU A 271 -12.91 -3.85 -22.17
CA LEU A 271 -14.35 -3.80 -22.39
C LEU A 271 -14.76 -2.75 -23.41
N ARG A 272 -13.87 -1.81 -23.73
CA ARG A 272 -14.25 -0.73 -24.64
C ARG A 272 -14.65 -1.24 -26.02
N ASP A 273 -14.04 -2.34 -26.44
CA ASP A 273 -14.35 -2.95 -27.74
C ASP A 273 -15.16 -4.24 -27.57
N ASP A 274 -15.55 -4.54 -26.34
CA ASP A 274 -16.35 -5.72 -26.05
C ASP A 274 -17.77 -5.56 -26.60
N LYS A 275 -18.19 -6.53 -27.42
CA LYS A 275 -19.52 -6.50 -28.05
C LYS A 275 -20.64 -6.28 -27.05
N ASP A 276 -20.76 -7.16 -26.05
CA ASP A 276 -21.84 -7.10 -25.08
C ASP A 276 -21.84 -5.80 -24.28
N THR A 277 -20.65 -5.27 -23.99
CA THR A 277 -20.55 -4.04 -23.22
C THR A 277 -21.04 -2.85 -24.03
N ILE A 278 -20.62 -2.79 -25.29
CA ILE A 278 -21.06 -1.73 -26.19
C ILE A 278 -22.59 -1.75 -26.32
N GLU A 279 -23.15 -2.95 -26.42
CA GLU A 279 -24.59 -3.11 -26.52
C GLU A 279 -25.28 -2.61 -25.25
N LYS A 280 -24.78 -3.01 -24.09
CA LYS A 280 -25.37 -2.57 -22.83
C LYS A 280 -25.33 -1.05 -22.68
N LEU A 281 -24.19 -0.45 -23.03
CA LEU A 281 -24.08 1.00 -23.01
C LEU A 281 -25.07 1.62 -24.00
N LYS A 282 -25.18 1.00 -25.17
CA LYS A 282 -26.10 1.47 -26.19
C LYS A 282 -27.52 1.54 -25.63
N GLU A 283 -27.92 0.47 -24.94
CA GLU A 283 -29.23 0.42 -24.30
C GLU A 283 -29.43 1.53 -23.25
N LYS A 284 -28.33 2.05 -22.72
CA LYS A 284 -28.39 3.17 -21.78
C LYS A 284 -28.26 4.51 -22.47
N LYS A 285 -28.17 4.47 -23.79
CA LYS A 285 -27.99 5.67 -24.60
C LYS A 285 -26.61 6.30 -24.36
N LEU A 286 -25.63 5.44 -24.09
CA LEU A 286 -24.27 5.89 -23.82
C LEU A 286 -23.29 5.18 -24.72
N THR A 287 -22.07 5.70 -24.74
CA THR A 287 -20.98 5.07 -25.46
C THR A 287 -19.71 5.11 -24.59
N PRO A 288 -18.75 4.19 -24.85
CA PRO A 288 -17.53 4.16 -24.04
C PRO A 288 -16.73 5.45 -24.14
N ILE A 289 -15.91 5.71 -23.12
CA ILE A 289 -14.98 6.84 -23.16
C ILE A 289 -13.84 6.57 -24.15
N THR A 290 -13.61 7.51 -25.06
CA THR A 290 -12.56 7.39 -26.05
C THR A 290 -11.23 7.94 -25.53
N TYR A 291 -10.13 7.46 -26.10
CA TYR A 291 -8.81 7.96 -25.74
C TYR A 291 -8.74 9.49 -25.77
N PRO A 292 -9.13 10.13 -26.89
CA PRO A 292 -9.12 11.60 -26.93
C PRO A 292 -9.96 12.22 -25.81
N GLN A 293 -11.05 11.57 -25.43
CA GLN A 293 -11.86 12.09 -24.33
C GLN A 293 -11.13 11.96 -22.97
N GLY A 294 -10.46 10.84 -22.75
CA GLY A 294 -9.68 10.66 -21.54
C GLY A 294 -8.53 11.65 -21.50
N LEU A 295 -7.83 11.77 -22.63
CA LEU A 295 -6.73 12.71 -22.74
C LEU A 295 -7.18 14.12 -22.40
N ALA A 296 -8.34 14.51 -22.92
CA ALA A 296 -8.87 15.86 -22.68
C ALA A 296 -9.21 16.08 -21.21
N MET A 297 -9.79 15.07 -20.56
CA MET A 297 -10.02 15.16 -19.13
C MET A 297 -8.69 15.31 -18.40
N ALA A 298 -7.70 14.50 -18.78
CA ALA A 298 -6.38 14.59 -18.16
C ALA A 298 -5.84 16.01 -18.26
N LYS A 299 -5.91 16.60 -19.45
CA LYS A 299 -5.41 17.96 -19.65
C LYS A 299 -6.19 18.95 -18.78
N GLU A 300 -7.50 18.76 -18.69
CA GLU A 300 -8.36 19.66 -17.95
C GLU A 300 -8.02 19.71 -16.46
N ILE A 301 -7.63 18.56 -15.89
CA ILE A 301 -7.34 18.51 -14.45
C ILE A 301 -5.84 18.64 -14.18
N GLY A 302 -5.07 18.89 -15.22
CA GLY A 302 -3.63 19.09 -15.07
C GLY A 302 -2.88 17.82 -14.69
N ALA A 303 -3.40 16.67 -15.11
CA ALA A 303 -2.72 15.39 -14.86
C ALA A 303 -1.44 15.31 -15.69
N VAL A 304 -0.38 14.73 -15.12
CA VAL A 304 0.91 14.64 -15.83
C VAL A 304 0.92 13.54 -16.89
N LYS A 305 -0.04 12.63 -16.82
CA LYS A 305 -0.15 11.54 -17.78
C LYS A 305 -1.58 11.04 -17.87
N TYR A 306 -1.99 10.70 -19.10
CA TYR A 306 -3.21 9.93 -19.31
C TYR A 306 -2.81 8.53 -19.77
N LEU A 307 -3.33 7.51 -19.08
CA LEU A 307 -2.94 6.14 -19.36
C LEU A 307 -4.15 5.22 -19.32
N GLU A 308 -4.23 4.30 -20.28
CA GLU A 308 -5.32 3.34 -20.29
C GLU A 308 -4.76 1.97 -20.05
N CYS A 309 -5.55 1.09 -19.45
CA CYS A 309 -5.08 -0.24 -19.15
C CYS A 309 -6.24 -1.18 -18.86
N SER A 310 -5.92 -2.48 -18.85
CA SER A 310 -6.88 -3.49 -18.45
C SER A 310 -6.22 -4.38 -17.43
N ALA A 311 -6.82 -4.46 -16.24
CA ALA A 311 -6.34 -5.38 -15.23
C ALA A 311 -6.43 -6.82 -15.73
N LEU A 312 -7.47 -7.11 -16.52
CA LEU A 312 -7.75 -8.47 -16.96
C LEU A 312 -6.73 -9.01 -17.95
N THR A 313 -6.44 -8.25 -18.99
CA THR A 313 -5.45 -8.68 -19.99
C THR A 313 -4.05 -8.18 -19.64
N GLN A 314 -3.98 -7.19 -18.75
CA GLN A 314 -2.72 -6.56 -18.32
C GLN A 314 -2.19 -5.57 -19.36
N ARG A 315 -2.97 -5.31 -20.40
CA ARG A 315 -2.54 -4.35 -21.42
C ARG A 315 -2.38 -2.99 -20.77
N GLY A 316 -1.22 -2.37 -20.96
CA GLY A 316 -0.92 -1.07 -20.39
C GLY A 316 -0.74 -1.07 -18.88
N LEU A 317 -0.75 -2.25 -18.26
CA LEU A 317 -0.71 -2.32 -16.80
C LEU A 317 0.64 -1.91 -16.20
N LYS A 318 1.73 -2.52 -16.66
CA LYS A 318 3.07 -2.19 -16.16
C LYS A 318 3.37 -0.70 -16.34
N THR A 319 2.92 -0.14 -17.46
CA THR A 319 3.22 1.24 -17.79
C THR A 319 2.61 2.22 -16.77
N VAL A 320 1.45 1.86 -16.24
CA VAL A 320 0.81 2.67 -15.21
C VAL A 320 1.74 2.89 -14.02
N PHE A 321 2.33 1.82 -13.50
CA PHE A 321 3.16 1.94 -12.30
C PHE A 321 4.57 2.44 -12.59
N ASP A 322 5.07 2.14 -13.79
CA ASP A 322 6.34 2.70 -14.23
C ASP A 322 6.22 4.22 -14.33
N GLU A 323 5.13 4.70 -14.93
CA GLU A 323 4.91 6.13 -15.07
C GLU A 323 4.63 6.81 -13.73
N ALA A 324 3.93 6.09 -12.84
CA ALA A 324 3.71 6.61 -11.49
C ALA A 324 5.06 6.96 -10.87
N ILE A 325 6.00 6.01 -10.92
CA ILE A 325 7.31 6.22 -10.33
C ILE A 325 8.06 7.37 -11.00
N ARG A 326 8.03 7.37 -12.33
CA ARG A 326 8.71 8.40 -13.10
C ARG A 326 8.16 9.80 -12.84
N ALA A 327 6.87 9.90 -12.50
CA ALA A 327 6.28 11.19 -12.21
C ALA A 327 6.88 11.75 -10.92
N VAL A 328 7.38 10.85 -10.09
CA VAL A 328 8.00 11.23 -8.82
C VAL A 328 9.53 11.41 -8.96
N LEU A 329 10.18 10.47 -9.63
CA LEU A 329 11.65 10.46 -9.65
C LEU A 329 12.33 11.22 -10.79
N CYS A 330 11.63 11.39 -11.91
CA CYS A 330 12.24 11.97 -13.11
C CYS A 330 11.49 13.21 -13.59
PG GTP B . -14.18 -0.22 -4.66
O1G GTP B . -13.25 -1.01 -3.79
O2G GTP B . -15.57 -0.44 -4.12
O3G GTP B . -13.86 1.25 -4.58
O3B GTP B . -14.11 -0.74 -6.19
PB GTP B . -12.79 -1.01 -7.09
O1B GTP B . -11.58 -1.54 -6.38
O2B GTP B . -12.47 0.28 -7.79
O3A GTP B . -13.31 -2.14 -8.11
PA GTP B . -12.69 -3.61 -8.28
O1A GTP B . -13.02 -4.41 -7.04
O2A GTP B . -11.22 -3.61 -8.61
O5' GTP B . -13.51 -4.22 -9.53
C5' GTP B . -14.88 -4.00 -9.74
C4' GTP B . -15.33 -5.08 -10.72
O4' GTP B . -15.03 -4.65 -12.04
C3' GTP B . -14.55 -6.36 -10.51
O3' GTP B . -15.27 -7.29 -9.73
C2' GTP B . -14.38 -6.93 -11.90
O2' GTP B . -15.47 -7.78 -12.12
C1' GTP B . -14.51 -5.73 -12.81
N9 GTP B . -13.19 -5.36 -13.35
C8 GTP B . -12.16 -4.72 -12.69
N7 GTP B . -11.14 -4.56 -13.57
C5 GTP B . -11.51 -5.07 -14.78
C6 GTP B . -10.87 -5.15 -16.02
O6 GTP B . -9.72 -4.72 -16.18
N1 GTP B . -11.53 -5.74 -17.10
C2 GTP B . -12.82 -6.23 -16.92
N2 GTP B . -13.46 -6.80 -17.95
N3 GTP B . -13.45 -6.13 -15.70
C4 GTP B . -12.80 -5.56 -14.65
N1 FMN C . 3.02 -7.89 17.70
C2 FMN C . 3.55 -9.16 17.86
O2 FMN C . 3.04 -9.94 18.66
N3 FMN C . 4.64 -9.56 17.10
C4 FMN C . 5.22 -8.69 16.21
O4 FMN C . 6.31 -8.98 15.72
C4A FMN C . 4.68 -7.40 16.06
N5 FMN C . 5.24 -6.52 15.16
C5A FMN C . 4.72 -5.26 15.02
C6 FMN C . 5.33 -4.40 14.12
C7 FMN C . 4.84 -3.11 13.95
C7M FMN C . 5.75 -2.09 13.32
C8 FMN C . 3.74 -2.69 14.69
C8M FMN C . 3.55 -1.21 14.90
C9 FMN C . 3.13 -3.57 15.60
C9A FMN C . 3.62 -4.86 15.78
N10 FMN C . 3.03 -5.76 16.68
C10 FMN C . 3.59 -7.01 16.81
C1' FMN C . 2.14 -5.28 17.81
C2' FMN C . 0.65 -5.36 17.44
O2' FMN C . 0.41 -4.88 16.14
C3' FMN C . -0.26 -4.57 18.38
O3' FMN C . 0.05 -3.20 18.37
C4' FMN C . -0.24 -5.09 19.81
O4' FMN C . -0.99 -6.28 19.84
C5' FMN C . -0.96 -4.08 20.69
O5' FMN C . -2.14 -3.81 19.96
P FMN C . -3.56 -4.37 20.47
O1P FMN C . -4.61 -3.40 19.98
O2P FMN C . -3.54 -4.40 21.99
O3P FMN C . -3.79 -5.76 19.96
MG MG D . -11.42 -1.88 -4.27
CL CL E . -6.99 -5.12 -23.56
CL CL F . -17.63 -0.07 -15.22
#